data_3W1B
#
_entry.id   3W1B
#
_cell.length_a   68.630
_cell.length_b   105.210
_cell.length_c   122.040
_cell.angle_alpha   90.00
_cell.angle_beta   90.00
_cell.angle_gamma   90.00
#
_symmetry.space_group_name_H-M   'P 2 21 21'
#
loop_
_entity.id
_entity.type
_entity.pdbx_description
1 polymer 'DNA ligase 4'
2 polymer 'Artemis-derived peptide'
3 non-polymer 'ADENOSINE MONOPHOSPHATE'
4 non-polymer 'SULFATE ION'
5 non-polymer 'MERCURY (II) ION'
6 water water
#
loop_
_entity_poly.entity_id
_entity_poly.type
_entity_poly.pdbx_seq_one_letter_code
_entity_poly.pdbx_strand_id
1 'polypeptide(L)'
;TMAASQTSQTVASHVPFADLCSTLERIQKSKGRAEKIRHFREFLDSWRKFHDALHKNHKDVTDSFYPAMRLILPQLERER
MAYGIKETMLAKLYIELLNLPRDGKDALKLLNYRTPTGTHGDAGDFAMIAYFVLKPRCLQKGSLTIQQVNDLLDSIASNN
SAKRKDLIKKSLLQLITQSSALEQKWLIRMIIKDLKLGVSQQTIFSVFHNDAAELHNVTTDLEKVCRQLHDPSVGLSDIS
ITLFSAFKPMLAAIADIEHIEKDMKHQSFYIETKLDGERMQMHKDGDVYKYFSRNGYNYTDQFGASPTEGSLTPFIHNAF
KADIQICILDGEMMAYNPNTQTFMQKGTKFDIKRMVEDSDLQTCYCVFDVLMVNNKKLGHETLRKRYEILSSIFTPIPGR
IEIVQKTQAHTKNEVIDALNEAIDKREEGIMVKQPLSIYKPDKRGEGWLKIKPEYVSGLMDELDILIVGGYWGKGSRGGM
MSHFLCAVAEKPPPGEKPSVFHTLSRVGSGCTMKELYDLGLKLAKYWKPFHRKAPPSSILCGTEKPEVYIEPCNSVIVQI
KAAEIVPSDMYKTGCTLRFPRIEKIRDDKEWHECMTLDDLEQLRGKASGK
;
A
2 'polypeptide(L)' DVPQWEVFFKR B
#
# COMPACT_ATOMS: atom_id res chain seq x y z
N THR A 7 37.62 -17.70 -10.14
CA THR A 7 37.90 -16.43 -10.79
C THR A 7 36.59 -15.82 -11.30
N SER A 8 35.75 -15.39 -10.35
CA SER A 8 34.38 -14.94 -10.62
C SER A 8 33.54 -16.07 -11.23
N GLN A 9 33.79 -17.29 -10.77
CA GLN A 9 33.08 -18.48 -11.21
C GLN A 9 31.73 -18.59 -10.48
N THR A 10 30.73 -19.20 -11.13
CA THR A 10 29.39 -19.32 -10.56
C THR A 10 28.72 -20.64 -10.92
N VAL A 11 27.94 -21.15 -9.97
CA VAL A 11 27.20 -22.37 -10.19
C VAL A 11 26.21 -22.17 -11.33
N ALA A 12 25.50 -21.06 -11.28
CA ALA A 12 24.51 -20.70 -12.30
C ALA A 12 25.07 -20.74 -13.72
N SER A 13 26.35 -20.45 -13.91
CA SER A 13 26.92 -20.51 -15.25
C SER A 13 27.06 -21.95 -15.72
N HIS A 14 26.86 -22.90 -14.81
CA HIS A 14 27.00 -24.31 -15.12
C HIS A 14 25.69 -25.09 -15.12
N VAL A 15 24.62 -24.52 -14.59
CA VAL A 15 23.38 -25.29 -14.46
C VAL A 15 22.36 -24.98 -15.56
N PRO A 16 22.03 -25.99 -16.36
CA PRO A 16 21.12 -25.73 -17.47
C PRO A 16 19.81 -25.23 -16.91
N PHE A 17 19.23 -24.24 -17.56
CA PHE A 17 17.92 -23.77 -17.14
C PHE A 17 16.93 -24.94 -17.18
N ALA A 18 17.23 -25.94 -18.00
CA ALA A 18 16.38 -27.12 -18.15
C ALA A 18 16.24 -27.92 -16.85
N ASP A 19 17.32 -27.96 -16.06
CA ASP A 19 17.28 -28.63 -14.75
C ASP A 19 16.44 -27.87 -13.73
N LEU A 20 16.51 -26.54 -13.75
CA LEU A 20 15.61 -25.78 -12.91
C LEU A 20 14.16 -26.08 -13.32
N CYS A 21 13.85 -26.05 -14.61
CA CYS A 21 12.47 -26.22 -15.05
C CYS A 21 11.89 -27.62 -14.79
N SER A 22 12.70 -28.67 -14.95
CA SER A 22 12.22 -30.01 -14.68
C SER A 22 11.92 -30.17 -13.20
N THR A 23 12.61 -29.41 -12.37
CA THR A 23 12.34 -29.41 -10.93
C THR A 23 11.04 -28.67 -10.61
N LEU A 24 10.80 -27.54 -11.28
CA LEU A 24 9.56 -26.80 -11.08
C LEU A 24 8.39 -27.62 -11.59
N GLU A 25 8.60 -28.31 -12.70
CA GLU A 25 7.51 -29.13 -13.25
C GLU A 25 7.16 -30.25 -12.28
N ARG A 26 8.17 -30.91 -11.70
CA ARG A 26 7.90 -31.98 -10.75
C ARG A 26 7.19 -31.47 -9.48
N ILE A 27 7.60 -30.31 -9.00
CA ILE A 27 6.97 -29.73 -7.82
C ILE A 27 5.50 -29.40 -8.09
N GLN A 28 5.24 -28.78 -9.24
CA GLN A 28 3.88 -28.37 -9.56
C GLN A 28 2.96 -29.56 -9.77
N LYS A 29 3.49 -30.63 -10.35
CA LYS A 29 2.68 -31.83 -10.59
C LYS A 29 2.57 -32.75 -9.38
N SER A 30 3.41 -32.54 -8.37
CA SER A 30 3.29 -33.32 -7.13
C SER A 30 2.01 -32.92 -6.36
N LYS A 31 1.29 -33.92 -5.86
CA LYS A 31 0.10 -33.66 -5.05
C LYS A 31 0.44 -33.28 -3.59
N GLY A 32 1.18 -34.14 -2.90
CA GLY A 32 1.53 -33.90 -1.52
C GLY A 32 2.55 -32.80 -1.28
N ARG A 33 2.46 -32.15 -0.12
CA ARG A 33 3.41 -31.14 0.28
C ARG A 33 4.80 -31.78 0.41
N ALA A 34 4.83 -32.94 1.05
CA ALA A 34 6.06 -33.69 1.26
C ALA A 34 6.81 -33.92 -0.04
N GLU A 35 6.09 -34.37 -1.05
CA GLU A 35 6.69 -34.66 -2.33
C GLU A 35 7.19 -33.36 -2.99
N LYS A 36 6.40 -32.30 -2.89
CA LYS A 36 6.79 -31.01 -3.45
C LYS A 36 8.13 -30.57 -2.85
N ILE A 37 8.22 -30.67 -1.54
CA ILE A 37 9.40 -30.25 -0.82
C ILE A 37 10.61 -31.09 -1.22
N ARG A 38 10.41 -32.40 -1.28
CA ARG A 38 11.45 -33.34 -1.67
C ARG A 38 12.13 -32.96 -2.99
N HIS A 39 11.33 -32.60 -4.00
CA HIS A 39 11.88 -32.24 -5.30
C HIS A 39 12.71 -30.97 -5.18
N PHE A 40 12.20 -29.98 -4.44
CA PHE A 40 12.96 -28.77 -4.18
C PHE A 40 14.28 -29.11 -3.47
N ARG A 41 14.21 -29.91 -2.42
CA ARG A 41 15.39 -30.29 -1.67
C ARG A 41 16.46 -30.93 -2.54
N GLU A 42 16.05 -31.83 -3.43
CA GLU A 42 17.02 -32.55 -4.25
C GLU A 42 17.82 -31.61 -5.15
N PHE A 43 17.15 -30.59 -5.69
CA PHE A 43 17.78 -29.59 -6.52
C PHE A 43 18.71 -28.74 -5.67
N LEU A 44 18.17 -28.23 -4.57
CA LEU A 44 18.90 -27.36 -3.66
C LEU A 44 20.12 -28.07 -3.12
N ASP A 45 19.95 -29.34 -2.76
CA ASP A 45 21.08 -30.10 -2.23
C ASP A 45 22.18 -30.34 -3.27
N SER A 46 21.81 -30.60 -4.52
CA SER A 46 22.82 -30.84 -5.56
C SER A 46 23.59 -29.54 -5.78
N TRP A 47 22.88 -28.43 -5.75
CA TRP A 47 23.46 -27.13 -5.98
C TRP A 47 24.48 -26.84 -4.90
N ARG A 48 24.14 -27.15 -3.66
CA ARG A 48 25.05 -26.88 -2.53
C ARG A 48 26.31 -27.74 -2.58
N LYS A 49 26.16 -29.03 -2.91
CA LYS A 49 27.33 -29.92 -3.03
C LYS A 49 28.25 -29.46 -4.18
N PHE A 50 27.64 -29.11 -5.31
CA PHE A 50 28.38 -28.60 -6.46
C PHE A 50 29.16 -27.35 -6.11
N HIS A 51 28.47 -26.41 -5.46
CA HIS A 51 29.06 -25.16 -5.01
C HIS A 51 30.33 -25.43 -4.23
N ASP A 52 30.25 -26.36 -3.27
CA ASP A 52 31.39 -26.69 -2.43
C ASP A 52 32.53 -27.25 -3.24
N ALA A 53 32.20 -28.03 -4.28
CA ALA A 53 33.23 -28.62 -5.12
C ALA A 53 33.82 -27.55 -6.03
N LEU A 54 32.95 -26.72 -6.59
CA LEU A 54 33.38 -25.68 -7.51
C LEU A 54 34.25 -24.63 -6.81
N HIS A 55 33.93 -24.33 -5.56
CA HIS A 55 34.62 -23.25 -4.87
C HIS A 55 35.65 -23.70 -3.82
N LYS A 56 36.10 -24.95 -3.93
CA LYS A 56 37.06 -25.52 -2.98
C LYS A 56 38.31 -24.65 -2.83
N ASN A 57 38.85 -24.16 -3.95
CA ASN A 57 40.12 -23.44 -3.93
C ASN A 57 39.99 -21.93 -4.12
N HIS A 58 38.84 -21.38 -3.75
CA HIS A 58 38.62 -19.94 -3.83
C HIS A 58 38.35 -19.37 -2.44
N VAL A 61 34.12 -15.75 -1.61
CA VAL A 61 33.13 -16.24 -2.56
C VAL A 61 31.74 -15.65 -2.27
N THR A 62 31.23 -14.87 -3.23
CA THR A 62 29.95 -14.20 -3.05
C THR A 62 28.85 -14.91 -3.82
N ASP A 63 29.24 -15.94 -4.56
CA ASP A 63 28.34 -16.81 -5.28
C ASP A 63 27.31 -17.46 -4.34
N SER A 64 26.11 -17.70 -4.84
CA SER A 64 25.03 -18.29 -4.02
C SER A 64 23.89 -18.86 -4.87
N PHE A 65 22.79 -19.19 -4.19
CA PHE A 65 21.63 -19.82 -4.82
C PHE A 65 20.70 -18.79 -5.45
N TYR A 66 21.02 -17.52 -5.21
CA TYR A 66 20.24 -16.39 -5.73
C TYR A 66 19.81 -16.47 -7.19
N PRO A 67 20.71 -16.85 -8.11
CA PRO A 67 20.26 -16.91 -9.51
C PRO A 67 19.08 -17.86 -9.74
N ALA A 68 19.01 -18.92 -8.95
CA ALA A 68 17.84 -19.80 -9.02
C ALA A 68 16.68 -19.24 -8.20
N MET A 69 16.98 -18.80 -6.98
CA MET A 69 15.92 -18.43 -6.05
C MET A 69 15.10 -17.28 -6.60
N ARG A 70 15.76 -16.34 -7.28
CA ARG A 70 15.05 -15.19 -7.83
C ARG A 70 14.03 -15.62 -8.92
N LEU A 71 14.27 -16.77 -9.54
CA LEU A 71 13.35 -17.31 -10.56
C LEU A 71 12.29 -18.21 -9.92
N ILE A 72 12.64 -18.79 -8.78
CA ILE A 72 11.69 -19.58 -8.01
C ILE A 72 10.68 -18.69 -7.28
N LEU A 73 11.14 -17.56 -6.78
CA LEU A 73 10.25 -16.61 -6.11
C LEU A 73 10.26 -15.27 -6.85
N PRO A 74 9.77 -15.28 -8.12
CA PRO A 74 9.91 -14.08 -8.97
C PRO A 74 9.18 -12.88 -8.37
N GLN A 75 8.17 -13.10 -7.53
CA GLN A 75 7.43 -11.97 -6.98
C GLN A 75 8.32 -11.23 -5.98
N LEU A 76 9.45 -11.85 -5.61
CA LEU A 76 10.38 -11.23 -4.67
C LEU A 76 11.61 -10.63 -5.35
N GLU A 77 11.60 -10.58 -6.68
CA GLU A 77 12.67 -9.92 -7.43
C GLU A 77 12.75 -8.42 -7.07
N ARG A 78 13.92 -7.94 -6.67
CA ARG A 78 14.07 -6.50 -6.36
C ARG A 78 15.18 -5.78 -7.11
N GLU A 79 16.13 -6.54 -7.63
CA GLU A 79 17.27 -5.97 -8.33
C GLU A 79 16.83 -5.46 -9.72
N ARG A 80 16.17 -6.36 -10.45
CA ARG A 80 15.65 -6.11 -11.78
C ARG A 80 14.32 -5.30 -11.69
N MET A 81 14.10 -4.33 -12.57
CA MET A 81 12.83 -3.58 -12.62
C MET A 81 11.75 -4.30 -13.45
N ALA A 82 10.60 -3.66 -13.64
CA ALA A 82 9.48 -4.27 -14.36
C ALA A 82 9.85 -4.66 -15.80
N TYR A 83 9.32 -5.78 -16.28
CA TYR A 83 9.62 -6.24 -17.64
C TYR A 83 8.83 -5.52 -18.72
N GLY A 84 7.62 -5.08 -18.39
CA GLY A 84 6.77 -4.38 -19.34
C GLY A 84 6.23 -5.31 -20.42
N ILE A 85 6.15 -6.59 -20.12
CA ILE A 85 5.69 -7.59 -21.08
C ILE A 85 4.26 -8.05 -20.82
N LYS A 86 3.42 -7.92 -21.84
CA LYS A 86 2.02 -8.32 -21.78
C LYS A 86 1.81 -9.67 -22.47
N GLU A 87 0.87 -10.47 -21.95
CA GLU A 87 0.45 -11.70 -22.61
C GLU A 87 0.24 -11.44 -24.10
N THR A 88 -0.44 -10.35 -24.41
CA THR A 88 -0.76 -10.06 -25.79
C THR A 88 0.48 -9.88 -26.68
N MET A 89 1.58 -9.40 -26.11
CA MET A 89 2.82 -9.25 -26.87
C MET A 89 3.45 -10.61 -27.20
N LEU A 90 3.48 -11.49 -26.20
CA LEU A 90 3.97 -12.86 -26.39
C LEU A 90 3.17 -13.57 -27.45
N ALA A 91 1.85 -13.35 -27.39
CA ALA A 91 0.94 -14.01 -28.31
C ALA A 91 1.35 -13.72 -29.75
N LYS A 92 1.56 -12.44 -30.05
CA LYS A 92 1.90 -12.05 -31.42
C LYS A 92 3.22 -12.67 -31.85
N LEU A 93 4.18 -12.62 -30.94
CA LEU A 93 5.52 -13.14 -31.17
C LEU A 93 5.50 -14.63 -31.51
N TYR A 94 4.72 -15.40 -30.74
CA TYR A 94 4.64 -16.83 -30.98
C TYR A 94 3.98 -17.13 -32.33
N ILE A 95 3.00 -16.30 -32.67
CA ILE A 95 2.27 -16.51 -33.91
C ILE A 95 3.23 -16.34 -35.10
N GLU A 96 4.19 -15.42 -34.96
CA GLU A 96 5.24 -15.27 -35.96
C GLU A 96 6.10 -16.54 -35.98
N LEU A 97 6.79 -16.76 -34.87
CA LEU A 97 7.81 -17.79 -34.77
C LEU A 97 7.34 -19.19 -35.09
N LEU A 98 6.13 -19.52 -34.69
CA LEU A 98 5.62 -20.88 -34.89
C LEU A 98 4.87 -20.91 -36.21
N ASN A 99 4.75 -19.74 -36.82
CA ASN A 99 4.08 -19.60 -38.11
C ASN A 99 2.66 -20.18 -38.04
N LEU A 100 1.93 -19.82 -36.99
CA LEU A 100 0.57 -20.30 -36.85
C LEU A 100 -0.29 -19.58 -37.87
N PRO A 101 -1.32 -20.25 -38.39
CA PRO A 101 -2.33 -19.56 -39.23
C PRO A 101 -2.88 -18.31 -38.51
N ARG A 102 -2.75 -17.15 -39.15
CA ARG A 102 -3.01 -15.88 -38.50
C ARG A 102 -4.46 -15.71 -38.06
N ASP A 103 -5.36 -16.47 -38.67
CA ASP A 103 -6.78 -16.43 -38.34
C ASP A 103 -7.29 -17.71 -37.64
N GLY A 104 -6.37 -18.62 -37.31
CA GLY A 104 -6.75 -19.92 -36.76
C GLY A 104 -7.12 -19.92 -35.29
N LYS A 105 -7.60 -21.07 -34.81
CA LYS A 105 -8.05 -21.20 -33.41
C LYS A 105 -6.92 -20.99 -32.40
N ASP A 106 -5.71 -21.43 -32.72
CA ASP A 106 -4.60 -21.27 -31.78
C ASP A 106 -4.17 -19.83 -31.66
N ALA A 107 -4.13 -19.12 -32.78
CA ALA A 107 -3.68 -17.73 -32.79
C ALA A 107 -4.68 -16.86 -32.03
N LEU A 108 -5.97 -17.02 -32.33
CA LEU A 108 -7.00 -16.27 -31.62
C LEU A 108 -7.00 -16.55 -30.11
N LYS A 109 -6.83 -17.81 -29.72
CA LYS A 109 -6.85 -18.16 -28.31
C LYS A 109 -5.70 -17.51 -27.56
N LEU A 110 -4.58 -17.31 -28.23
CA LEU A 110 -3.44 -16.65 -27.60
C LEU A 110 -3.73 -15.16 -27.50
N LEU A 111 -4.26 -14.60 -28.58
CA LEU A 111 -4.50 -13.17 -28.65
C LEU A 111 -5.65 -12.78 -27.75
N ASN A 112 -6.64 -13.66 -27.66
CA ASN A 112 -7.82 -13.38 -26.85
C ASN A 112 -7.74 -13.97 -25.45
N TYR A 113 -6.52 -14.17 -24.95
CA TYR A 113 -6.38 -14.71 -23.61
C TYR A 113 -6.96 -13.77 -22.54
N ARG A 114 -7.85 -14.30 -21.71
CA ARG A 114 -8.48 -13.51 -20.66
C ARG A 114 -7.81 -13.74 -19.30
N THR A 115 -7.26 -12.67 -18.74
CA THR A 115 -6.57 -12.69 -17.45
C THR A 115 -7.46 -13.19 -16.31
N ASP A 125 -3.81 -20.70 -17.02
CA ASP A 125 -3.10 -19.43 -17.15
C ASP A 125 -2.46 -19.33 -18.52
N PHE A 126 -1.91 -18.16 -18.82
CA PHE A 126 -1.38 -17.92 -20.17
C PHE A 126 -0.24 -18.86 -20.52
N ALA A 127 0.62 -19.14 -19.56
CA ALA A 127 1.77 -20.00 -19.82
C ALA A 127 1.32 -21.37 -20.32
N MET A 128 0.20 -21.83 -19.77
CA MET A 128 -0.34 -23.15 -20.07
C MET A 128 -1.00 -23.20 -21.45
N ILE A 129 -1.76 -22.15 -21.78
CA ILE A 129 -2.29 -22.00 -23.13
C ILE A 129 -1.14 -22.01 -24.15
N ALA A 130 -0.10 -21.24 -23.88
CA ALA A 130 1.04 -21.18 -24.77
C ALA A 130 1.71 -22.55 -24.87
N TYR A 131 1.88 -23.20 -23.72
CA TYR A 131 2.59 -24.47 -23.70
C TYR A 131 1.90 -25.52 -24.56
N PHE A 132 0.57 -25.49 -24.56
CA PHE A 132 -0.19 -26.46 -25.34
C PHE A 132 -0.08 -26.18 -26.82
N VAL A 133 -0.01 -24.90 -27.18
CA VAL A 133 0.29 -24.58 -28.57
C VAL A 133 1.72 -25.00 -28.93
N LEU A 134 2.67 -24.84 -28.00
CA LEU A 134 4.09 -25.18 -28.23
C LEU A 134 4.45 -26.68 -28.30
N LYS A 135 3.86 -27.47 -27.42
CA LYS A 135 4.23 -28.87 -27.25
C LYS A 135 4.35 -29.69 -28.55
N PRO A 136 3.40 -29.52 -29.49
CA PRO A 136 3.59 -30.34 -30.69
C PRO A 136 4.41 -29.71 -31.83
N ARG A 137 4.76 -28.43 -31.74
CA ARG A 137 5.44 -27.77 -32.87
C ARG A 137 6.83 -27.22 -32.57
N CYS A 138 7.19 -27.13 -31.29
CA CYS A 138 8.53 -26.70 -30.93
C CYS A 138 9.24 -27.84 -30.23
N LEU A 139 10.11 -28.53 -30.94
CA LEU A 139 10.70 -29.75 -30.40
C LEU A 139 12.12 -29.50 -29.93
N GLN A 140 12.54 -28.24 -29.97
CA GLN A 140 13.90 -27.90 -29.63
C GLN A 140 14.24 -28.18 -28.16
N LYS A 141 15.47 -28.61 -27.95
CA LYS A 141 16.05 -28.83 -26.63
C LYS A 141 16.69 -27.52 -26.17
N GLY A 142 16.57 -27.19 -24.87
CA GLY A 142 17.15 -25.97 -24.33
C GLY A 142 18.67 -25.86 -24.42
N SER A 143 19.20 -24.65 -24.47
CA SER A 143 20.65 -24.44 -24.41
C SER A 143 21.10 -23.42 -23.36
N LEU A 144 20.17 -22.81 -22.65
CA LEU A 144 20.55 -21.73 -21.74
C LEU A 144 20.82 -22.23 -20.34
N THR A 145 21.84 -21.64 -19.72
CA THR A 145 22.08 -21.85 -18.31
C THR A 145 21.16 -20.92 -17.58
N ILE A 146 21.06 -21.12 -16.26
CA ILE A 146 20.27 -20.25 -15.44
C ILE A 146 20.86 -18.83 -15.46
N GLN A 147 22.19 -18.75 -15.44
CA GLN A 147 22.83 -17.46 -15.56
C GLN A 147 22.48 -16.73 -16.86
N GLN A 148 22.49 -17.45 -17.96
CA GLN A 148 22.16 -16.83 -19.25
C GLN A 148 20.69 -16.42 -19.31
N VAL A 149 19.81 -17.19 -18.67
CA VAL A 149 18.43 -16.76 -18.54
C VAL A 149 18.32 -15.43 -17.77
N ASN A 150 18.98 -15.35 -16.62
CA ASN A 150 19.05 -14.10 -15.88
C ASN A 150 19.58 -12.92 -16.72
N ASP A 151 20.64 -13.15 -17.49
CA ASP A 151 21.20 -12.09 -18.34
C ASP A 151 20.16 -11.54 -19.33
N LEU A 152 19.41 -12.43 -19.96
CA LEU A 152 18.39 -12.02 -20.90
C LEU A 152 17.20 -11.31 -20.21
N LEU A 153 16.81 -11.78 -19.03
CA LEU A 153 15.78 -11.07 -18.27
C LEU A 153 16.28 -9.69 -17.88
N ASP A 154 17.55 -9.60 -17.48
CA ASP A 154 18.16 -8.32 -17.15
C ASP A 154 18.00 -7.38 -18.35
N SER A 155 18.32 -7.89 -19.53
CA SER A 155 18.21 -7.14 -20.78
C SER A 155 16.79 -6.66 -21.06
N ILE A 156 15.81 -7.52 -20.80
CA ILE A 156 14.41 -7.15 -21.01
C ILE A 156 14.03 -5.96 -20.12
N ALA A 157 14.30 -6.10 -18.82
CA ALA A 157 13.96 -5.08 -17.84
C ALA A 157 14.68 -3.74 -18.08
N SER A 158 15.95 -3.82 -18.41
CA SER A 158 16.75 -2.63 -18.63
C SER A 158 16.30 -1.90 -19.89
N ASN A 159 15.92 -2.66 -20.91
CA ASN A 159 15.42 -2.07 -22.15
C ASN A 159 14.02 -1.53 -22.02
N ASN A 160 13.20 -2.16 -21.18
CA ASN A 160 11.88 -1.64 -20.88
C ASN A 160 11.98 -0.25 -20.22
N SER A 161 12.85 -0.14 -19.22
CA SER A 161 13.14 1.15 -18.60
C SER A 161 13.45 2.25 -19.62
N ALA A 162 14.18 1.88 -20.66
CA ALA A 162 14.63 2.84 -21.65
C ALA A 162 13.67 2.88 -22.82
N LYS A 163 12.53 2.19 -22.67
CA LYS A 163 11.51 2.12 -23.71
C LYS A 163 12.11 1.78 -25.08
N ARG A 164 13.02 0.81 -25.11
CA ARG A 164 13.63 0.38 -26.37
C ARG A 164 12.93 -0.90 -26.81
N LYS A 165 11.83 -0.70 -27.51
CA LYS A 165 10.88 -1.77 -27.75
C LYS A 165 11.52 -2.92 -28.51
N ASP A 166 12.33 -2.59 -29.51
CA ASP A 166 12.91 -3.60 -30.37
C ASP A 166 13.93 -4.47 -29.64
N LEU A 167 14.72 -3.85 -28.75
CA LEU A 167 15.68 -4.62 -27.96
C LEU A 167 14.98 -5.56 -27.00
N ILE A 168 13.82 -5.17 -26.49
CA ILE A 168 13.06 -6.11 -25.66
C ILE A 168 12.70 -7.34 -26.49
N LYS A 169 12.28 -7.10 -27.73
CA LYS A 169 11.86 -8.20 -28.59
C LYS A 169 13.03 -9.16 -28.86
N LYS A 170 14.19 -8.60 -29.19
CA LYS A 170 15.35 -9.41 -29.47
C LYS A 170 15.80 -10.25 -28.28
N SER A 171 15.66 -9.73 -27.08
CA SER A 171 16.01 -10.49 -25.88
C SER A 171 15.02 -11.64 -25.69
N LEU A 172 13.74 -11.33 -25.92
CA LEU A 172 12.69 -12.33 -25.90
C LEU A 172 12.95 -13.37 -26.96
N LEU A 173 13.41 -12.92 -28.12
CA LEU A 173 13.66 -13.80 -29.24
C LEU A 173 14.72 -14.83 -28.90
N GLN A 174 15.81 -14.37 -28.27
CA GLN A 174 16.85 -15.27 -27.78
C GLN A 174 16.31 -16.31 -26.81
N LEU A 175 15.58 -15.84 -25.80
CA LEU A 175 15.01 -16.73 -24.78
C LEU A 175 14.18 -17.82 -25.42
N ILE A 176 13.40 -17.46 -26.43
CA ILE A 176 12.44 -18.38 -27.00
C ILE A 176 13.07 -19.36 -28.00
N THR A 177 13.93 -18.85 -28.89
CA THR A 177 14.55 -19.70 -29.89
C THR A 177 15.59 -20.67 -29.30
N GLN A 178 16.03 -20.42 -28.07
CA GLN A 178 17.06 -21.26 -27.46
C GLN A 178 16.50 -22.09 -26.32
N SER A 179 15.18 -22.14 -26.18
CA SER A 179 14.59 -22.86 -25.06
C SER A 179 13.54 -23.88 -25.47
N SER A 180 13.41 -24.94 -24.69
CA SER A 180 12.45 -25.99 -24.97
C SER A 180 11.04 -25.50 -24.64
N ALA A 181 10.05 -26.18 -25.18
CA ALA A 181 8.66 -25.82 -24.96
C ALA A 181 8.40 -25.71 -23.46
N LEU A 182 8.82 -26.74 -22.72
CA LEU A 182 8.63 -26.77 -21.27
C LEU A 182 9.33 -25.59 -20.56
N GLU A 183 10.58 -25.31 -20.93
CA GLU A 183 11.27 -24.17 -20.36
C GLU A 183 10.49 -22.89 -20.65
N GLN A 184 9.88 -22.81 -21.83
CA GLN A 184 9.16 -21.62 -22.21
C GLN A 184 7.95 -21.44 -21.34
N LYS A 185 7.28 -22.55 -21.01
CA LYS A 185 6.19 -22.51 -20.05
C LYS A 185 6.67 -21.81 -18.80
N TRP A 186 7.84 -22.20 -18.29
CA TRP A 186 8.30 -21.64 -17.02
C TRP A 186 8.83 -20.20 -17.11
N LEU A 187 9.52 -19.89 -18.21
CA LEU A 187 9.91 -18.51 -18.49
C LEU A 187 8.70 -17.58 -18.44
N ILE A 188 7.61 -17.99 -19.10
CA ILE A 188 6.42 -17.16 -19.12
C ILE A 188 5.95 -16.86 -17.70
N ARG A 189 5.94 -17.88 -16.85
CA ARG A 189 5.53 -17.70 -15.46
C ARG A 189 6.52 -16.86 -14.65
N MET A 190 7.82 -17.00 -14.91
CA MET A 190 8.75 -16.11 -14.24
C MET A 190 8.60 -14.66 -14.69
N ILE A 191 8.19 -14.47 -15.95
CA ILE A 191 8.01 -13.13 -16.46
C ILE A 191 6.76 -12.50 -15.85
N ILE A 192 5.68 -13.27 -15.81
CA ILE A 192 4.43 -12.84 -15.21
C ILE A 192 4.54 -12.72 -13.69
N LYS A 193 5.53 -13.41 -13.11
CA LYS A 193 5.80 -13.44 -11.68
C LYS A 193 4.75 -14.22 -10.86
N ASP A 194 4.36 -15.39 -11.36
CA ASP A 194 3.46 -16.27 -10.63
C ASP A 194 3.65 -17.72 -11.09
N LEU A 195 4.39 -18.51 -10.31
CA LEU A 195 4.77 -19.87 -10.70
C LEU A 195 3.70 -20.93 -10.43
N LYS A 196 2.83 -20.68 -9.47
CA LYS A 196 1.77 -21.61 -9.10
C LYS A 196 2.34 -22.98 -8.74
N LEU A 197 3.37 -22.99 -7.90
CA LEU A 197 4.00 -24.25 -7.50
C LEU A 197 3.10 -25.13 -6.62
N GLY A 198 2.19 -24.52 -5.88
CA GLY A 198 1.32 -25.27 -4.99
C GLY A 198 1.99 -25.39 -3.64
N VAL A 199 3.07 -24.64 -3.46
CA VAL A 199 3.75 -24.59 -2.19
C VAL A 199 4.02 -23.11 -1.91
N SER A 200 3.91 -22.73 -0.66
CA SER A 200 3.91 -21.31 -0.32
C SER A 200 5.32 -20.72 -0.31
N GLN A 201 5.38 -19.39 -0.35
CA GLN A 201 6.64 -18.70 -0.22
C GLN A 201 7.33 -19.06 1.11
N GLN A 202 6.57 -19.04 2.19
CA GLN A 202 7.10 -19.36 3.52
C GLN A 202 7.70 -20.78 3.56
N THR A 203 7.02 -21.75 2.95
CA THR A 203 7.57 -23.10 2.82
C THR A 203 8.89 -23.11 2.07
N ILE A 204 8.96 -22.37 0.96
CA ILE A 204 10.20 -22.26 0.20
C ILE A 204 11.34 -21.75 1.10
N PHE A 205 11.09 -20.66 1.80
CA PHE A 205 12.06 -20.09 2.73
C PHE A 205 12.50 -21.10 3.80
N SER A 206 11.54 -21.76 4.43
CA SER A 206 11.79 -22.71 5.51
C SER A 206 12.61 -23.91 5.05
N VAL A 207 12.33 -24.35 3.82
CA VAL A 207 13.05 -25.48 3.24
C VAL A 207 14.49 -25.07 2.98
N PHE A 208 14.67 -23.82 2.56
CA PHE A 208 15.99 -23.31 2.24
C PHE A 208 16.90 -23.12 3.47
N HIS A 209 16.41 -22.46 4.52
CA HIS A 209 17.19 -22.25 5.74
C HIS A 209 16.23 -21.92 6.86
N ASN A 210 16.57 -22.36 8.08
CA ASN A 210 15.70 -22.12 9.24
C ASN A 210 15.54 -20.63 9.48
N ASP A 211 16.56 -19.87 9.12
CA ASP A 211 16.57 -18.44 9.42
C ASP A 211 16.15 -17.58 8.23
N ALA A 212 15.90 -18.20 7.08
CA ALA A 212 15.65 -17.46 5.84
C ALA A 212 14.52 -16.43 5.92
N ALA A 213 13.40 -16.81 6.52
CA ALA A 213 12.25 -15.89 6.62
C ALA A 213 12.52 -14.68 7.53
N GLU A 214 13.12 -14.93 8.68
CA GLU A 214 13.42 -13.85 9.62
C GLU A 214 14.39 -12.87 8.96
N LEU A 215 15.37 -13.39 8.24
CA LEU A 215 16.35 -12.56 7.56
C LEU A 215 15.67 -11.75 6.47
N HIS A 216 14.82 -12.42 5.69
CA HIS A 216 14.08 -11.73 4.65
C HIS A 216 13.17 -10.62 5.18
N ASN A 217 12.72 -10.74 6.43
CA ASN A 217 11.85 -9.72 6.98
C ASN A 217 12.57 -8.42 7.31
N VAL A 218 13.90 -8.47 7.49
CA VAL A 218 14.66 -7.26 7.85
C VAL A 218 15.62 -6.86 6.73
N THR A 219 15.56 -7.61 5.64
CA THR A 219 16.27 -7.30 4.41
C THR A 219 15.34 -7.84 3.35
N THR A 220 14.69 -6.99 2.56
CA THR A 220 13.78 -7.55 1.57
C THR A 220 14.58 -7.96 0.33
N ASP A 221 15.61 -8.79 0.54
CA ASP A 221 16.61 -9.05 -0.49
C ASP A 221 17.02 -10.54 -0.57
N LEU A 222 16.52 -11.22 -1.59
CA LEU A 222 16.82 -12.64 -1.82
C LEU A 222 18.31 -12.93 -1.91
N GLU A 223 19.07 -12.03 -2.54
CA GLU A 223 20.51 -12.21 -2.66
C GLU A 223 21.17 -12.22 -1.28
N LYS A 224 20.82 -11.25 -0.43
CA LYS A 224 21.39 -11.20 0.92
C LYS A 224 21.09 -12.49 1.69
N VAL A 225 19.82 -12.91 1.63
CA VAL A 225 19.36 -14.11 2.31
C VAL A 225 20.05 -15.34 1.74
N CYS A 226 20.19 -15.39 0.43
CA CYS A 226 20.85 -16.53 -0.21
C CYS A 226 22.31 -16.63 0.18
N ARG A 227 22.98 -15.48 0.24
CA ARG A 227 24.42 -15.45 0.45
C ARG A 227 24.76 -15.61 1.94
N GLN A 228 24.07 -14.86 2.80
CA GLN A 228 24.29 -14.97 4.24
C GLN A 228 23.90 -16.33 4.83
N LEU A 229 22.89 -16.97 4.26
CA LEU A 229 22.42 -18.27 4.75
C LEU A 229 22.77 -19.35 3.76
N HIS A 230 23.93 -19.21 3.15
CA HIS A 230 24.36 -20.20 2.19
C HIS A 230 24.52 -21.56 2.84
N ASP A 231 24.91 -21.58 4.11
CA ASP A 231 25.15 -22.84 4.79
C ASP A 231 23.95 -23.16 5.68
N PRO A 232 23.24 -24.26 5.40
CA PRO A 232 22.00 -24.54 6.12
C PRO A 232 22.22 -24.92 7.57
N SER A 233 23.47 -25.17 7.96
CA SER A 233 23.74 -25.60 9.34
C SER A 233 24.48 -24.55 10.15
N VAL A 234 24.53 -23.34 9.63
CA VAL A 234 25.08 -22.21 10.36
C VAL A 234 23.99 -21.17 10.44
N GLY A 235 23.48 -20.92 11.65
CA GLY A 235 22.47 -19.91 11.86
C GLY A 235 23.01 -18.49 11.94
N LEU A 236 22.11 -17.53 12.06
CA LEU A 236 22.46 -16.14 12.33
C LEU A 236 21.88 -15.75 13.68
N SER A 237 22.70 -15.15 14.53
CA SER A 237 22.22 -14.69 15.84
C SER A 237 21.72 -13.26 15.77
N ASP A 238 20.72 -12.95 16.60
CA ASP A 238 20.16 -11.62 16.74
C ASP A 238 19.90 -10.95 15.40
N ILE A 239 19.11 -11.62 14.56
CA ILE A 239 18.70 -11.06 13.29
C ILE A 239 17.89 -9.81 13.54
N SER A 240 18.32 -8.68 12.98
CA SER A 240 17.67 -7.42 13.29
C SER A 240 17.69 -6.37 12.18
N ILE A 241 16.81 -5.39 12.32
CA ILE A 241 16.73 -4.26 11.42
C ILE A 241 18.09 -3.56 11.30
N THR A 242 18.53 -3.31 10.07
CA THR A 242 19.87 -2.78 9.84
C THR A 242 19.85 -1.59 8.90
N LEU A 243 20.71 -0.61 9.19
CA LEU A 243 20.78 0.62 8.39
C LEU A 243 20.96 0.32 6.89
N PHE A 244 20.11 0.95 6.08
CA PHE A 244 20.11 0.79 4.61
C PHE A 244 19.63 -0.59 4.08
N SER A 245 18.97 -1.36 4.93
CA SER A 245 18.29 -2.57 4.47
C SER A 245 16.79 -2.42 4.66
N ALA A 246 16.02 -2.87 3.69
CA ALA A 246 14.58 -2.71 3.74
C ALA A 246 13.97 -3.75 4.66
N PHE A 247 13.38 -3.31 5.76
CA PHE A 247 12.60 -4.24 6.59
C PHE A 247 11.11 -4.17 6.20
N LYS A 248 10.39 -5.26 6.41
CA LYS A 248 8.95 -5.25 6.18
C LYS A 248 8.26 -4.56 7.34
N PRO A 249 7.36 -3.61 7.03
CA PRO A 249 6.69 -2.80 8.07
C PRO A 249 5.87 -3.67 9.01
N MET A 250 5.80 -3.26 10.28
CA MET A 250 4.85 -3.83 11.22
C MET A 250 3.42 -3.43 10.82
N LEU A 251 2.48 -4.36 10.93
CA LEU A 251 1.11 -4.14 10.50
C LEU A 251 0.08 -4.11 11.64
N ALA A 252 -1.07 -3.48 11.39
CA ALA A 252 -2.14 -3.34 12.37
C ALA A 252 -3.28 -4.32 12.12
N ALA A 253 -3.74 -5.00 13.16
CA ALA A 253 -4.88 -5.91 13.02
C ALA A 253 -6.17 -5.12 13.16
N ILE A 254 -7.20 -5.55 12.44
CA ILE A 254 -8.49 -4.91 12.54
C ILE A 254 -9.07 -5.23 13.91
N ALA A 255 -9.70 -4.25 14.54
CA ALA A 255 -10.21 -4.43 15.89
C ALA A 255 -11.66 -4.00 16.05
N ASP A 256 -12.49 -4.92 16.55
CA ASP A 256 -13.85 -4.61 16.96
C ASP A 256 -13.80 -3.79 18.23
N ILE A 257 -14.19 -2.53 18.13
CA ILE A 257 -14.15 -1.57 19.24
C ILE A 257 -14.77 -2.05 20.57
N GLU A 258 -15.62 -3.07 20.52
CA GLU A 258 -16.25 -3.59 21.74
C GLU A 258 -15.28 -4.26 22.70
N HIS A 259 -14.20 -4.83 22.16
CA HIS A 259 -13.27 -5.62 22.97
C HIS A 259 -11.96 -4.90 23.28
N ILE A 260 -11.93 -3.59 23.08
CA ILE A 260 -10.66 -2.87 23.04
C ILE A 260 -9.92 -2.84 24.37
N GLU A 261 -10.64 -2.85 25.48
CA GLU A 261 -10.00 -2.83 26.79
C GLU A 261 -9.26 -4.14 27.09
N LYS A 262 -9.88 -5.26 26.75
CA LYS A 262 -9.21 -6.56 26.88
C LYS A 262 -8.04 -6.65 25.92
N ASP A 263 -8.25 -6.19 24.68
CA ASP A 263 -7.20 -6.26 23.66
C ASP A 263 -5.94 -5.51 24.07
N MET A 264 -6.11 -4.50 24.94
CA MET A 264 -4.97 -3.73 25.42
C MET A 264 -4.50 -4.19 26.79
N LYS A 265 -4.69 -5.48 27.04
CA LYS A 265 -4.19 -6.14 28.24
C LYS A 265 -4.61 -5.43 29.51
N HIS A 266 -5.85 -4.95 29.54
CA HIS A 266 -6.46 -4.23 30.66
C HIS A 266 -5.57 -3.16 31.30
N GLN A 267 -4.70 -2.57 30.48
CA GLN A 267 -3.82 -1.53 30.95
C GLN A 267 -3.88 -0.34 30.02
N SER A 268 -3.16 0.72 30.38
CA SER A 268 -3.12 1.94 29.60
C SER A 268 -2.64 1.66 28.19
N PHE A 269 -3.14 2.43 27.22
CA PHE A 269 -2.73 2.30 25.83
C PHE A 269 -2.66 3.64 25.09
N TYR A 270 -2.10 3.61 23.88
CA TYR A 270 -1.95 4.79 23.04
C TYR A 270 -3.03 4.86 21.99
N ILE A 271 -3.60 6.05 21.79
CA ILE A 271 -4.44 6.27 20.64
C ILE A 271 -3.70 7.21 19.71
N GLU A 272 -3.54 6.80 18.46
CA GLU A 272 -2.74 7.53 17.50
C GLU A 272 -3.51 7.75 16.20
N THR A 273 -3.31 8.89 15.56
CA THR A 273 -3.95 9.21 14.27
C THR A 273 -3.58 8.21 13.18
N LYS A 274 -4.58 7.76 12.42
CA LYS A 274 -4.36 6.85 11.31
C LYS A 274 -4.32 7.64 9.98
N LEU A 275 -3.17 7.61 9.32
CA LEU A 275 -2.99 8.37 8.10
C LEU A 275 -2.94 7.47 6.88
N ASP A 276 -3.66 7.85 5.85
CA ASP A 276 -3.69 7.04 4.64
C ASP A 276 -2.77 7.68 3.61
N GLY A 277 -1.46 7.52 3.80
CA GLY A 277 -0.47 7.97 2.83
C GLY A 277 0.23 6.79 2.17
N GLU A 278 1.51 6.95 1.87
CA GLU A 278 2.32 5.84 1.41
C GLU A 278 3.23 5.45 2.55
N ARG A 279 3.09 4.22 3.02
CA ARG A 279 3.96 3.69 4.07
C ARG A 279 5.41 3.76 3.58
N MET A 280 6.27 4.42 4.34
CA MET A 280 7.64 4.67 3.90
C MET A 280 8.58 4.68 5.11
N GLN A 281 9.72 3.98 4.99
CA GLN A 281 10.76 4.03 6.02
C GLN A 281 11.96 4.87 5.55
N MET A 282 12.58 5.62 6.45
CA MET A 282 13.71 6.46 6.10
C MET A 282 14.97 5.99 6.79
N HIS A 283 16.07 5.90 6.04
CA HIS A 283 17.34 5.47 6.57
C HIS A 283 18.33 6.62 6.43
N LYS A 284 18.99 7.00 7.53
CA LYS A 284 19.88 8.16 7.50
C LYS A 284 21.25 7.87 8.08
N ASP A 285 22.26 8.35 7.37
CA ASP A 285 23.63 8.38 7.87
C ASP A 285 24.26 9.67 7.39
N GLY A 286 24.25 10.69 8.24
CA GLY A 286 24.84 11.95 7.87
C GLY A 286 24.09 12.58 6.72
N ASP A 287 24.75 12.71 5.58
CA ASP A 287 24.17 13.34 4.40
C ASP A 287 23.51 12.32 3.48
N VAL A 288 23.62 11.05 3.85
CA VAL A 288 23.13 9.97 3.01
C VAL A 288 21.77 9.46 3.46
N TYR A 289 20.85 9.34 2.50
CA TYR A 289 19.49 8.94 2.80
C TYR A 289 18.98 7.87 1.83
N LYS A 290 18.27 6.89 2.36
CA LYS A 290 17.58 5.93 1.54
C LYS A 290 16.16 5.82 2.05
N TYR A 291 15.22 5.59 1.12
CA TYR A 291 13.81 5.43 1.45
C TYR A 291 13.27 4.14 0.84
N PHE A 292 12.59 3.35 1.65
CA PHE A 292 11.95 2.14 1.15
C PHE A 292 10.44 2.13 1.39
N SER A 293 9.69 1.73 0.37
CA SER A 293 8.26 1.52 0.46
C SER A 293 7.96 0.21 1.19
N ARG A 294 6.68 -0.10 1.34
CA ARG A 294 6.30 -1.21 2.22
C ARG A 294 6.68 -2.54 1.60
N ASN A 295 6.86 -2.55 0.29
CA ASN A 295 7.24 -3.77 -0.40
C ASN A 295 8.74 -3.87 -0.56
N GLY A 296 9.45 -2.86 -0.11
CA GLY A 296 10.89 -2.89 -0.15
C GLY A 296 11.50 -2.45 -1.47
N TYR A 297 10.74 -1.66 -2.24
CA TYR A 297 11.30 -0.99 -3.42
C TYR A 297 11.92 0.33 -3.02
N ASN A 298 12.94 0.73 -3.77
CA ASN A 298 13.72 1.93 -3.49
C ASN A 298 13.12 3.22 -4.05
N TYR A 299 12.70 4.09 -3.16
CA TYR A 299 12.10 5.36 -3.55
C TYR A 299 13.02 6.55 -3.32
N THR A 300 14.32 6.30 -3.21
CA THR A 300 15.26 7.37 -2.94
C THR A 300 15.29 8.42 -4.05
N ASP A 301 15.04 8.02 -5.30
CA ASP A 301 15.05 8.97 -6.42
C ASP A 301 13.99 10.05 -6.24
N GLN A 302 12.86 9.66 -5.68
CA GLN A 302 11.77 10.60 -5.43
C GLN A 302 12.07 11.57 -4.29
N PHE A 303 12.39 11.02 -3.12
CA PHE A 303 12.48 11.79 -1.88
C PHE A 303 13.82 12.46 -1.62
N GLY A 304 14.91 11.84 -2.07
CA GLY A 304 16.23 12.45 -1.99
C GLY A 304 17.34 11.66 -1.30
N ALA A 305 18.42 11.38 -2.02
CA ALA A 305 19.59 10.70 -1.46
C ALA A 305 20.47 11.58 -0.57
N SER A 306 20.24 12.88 -0.61
CA SER A 306 21.11 13.85 0.04
C SER A 306 20.35 15.16 0.24
N PRO A 307 20.92 16.11 1.00
CA PRO A 307 20.20 17.38 1.19
C PRO A 307 20.16 18.34 -0.03
N THR A 308 20.72 17.96 -1.18
CA THR A 308 20.65 18.84 -2.34
C THR A 308 19.79 18.30 -3.46
N GLU A 309 19.10 17.19 -3.22
CA GLU A 309 18.20 16.66 -4.24
C GLU A 309 17.00 15.97 -3.63
N GLY A 310 15.95 15.88 -4.43
CA GLY A 310 14.77 15.15 -4.03
C GLY A 310 13.64 16.07 -3.62
N SER A 311 12.50 15.45 -3.32
CA SER A 311 11.29 16.20 -3.02
C SER A 311 11.09 16.40 -1.51
N LEU A 312 11.95 15.78 -0.70
CA LEU A 312 11.77 15.81 0.73
C LEU A 312 13.05 16.10 1.51
N THR A 313 14.07 15.27 1.29
CA THR A 313 15.34 15.36 2.01
C THR A 313 15.94 16.77 2.17
N PRO A 314 15.95 17.59 1.09
CA PRO A 314 16.53 18.93 1.26
C PRO A 314 15.79 19.76 2.30
N PHE A 315 14.52 19.44 2.50
CA PHE A 315 13.67 20.23 3.38
C PHE A 315 13.68 19.73 4.82
N ILE A 316 14.19 18.53 5.05
CA ILE A 316 14.10 17.93 6.39
C ILE A 316 15.46 17.60 6.98
N HIS A 317 16.49 17.67 6.16
CA HIS A 317 17.83 17.35 6.60
C HIS A 317 18.18 18.18 7.83
N ASN A 318 17.85 19.46 7.80
CA ASN A 318 18.22 20.34 8.90
C ASN A 318 17.26 20.35 10.11
N ALA A 319 16.19 19.55 10.04
CA ALA A 319 15.29 19.38 11.18
C ALA A 319 15.89 18.44 12.21
N PHE A 320 16.76 17.55 11.77
CA PHE A 320 17.41 16.59 12.66
C PHE A 320 18.31 17.26 13.68
N LYS A 321 18.18 16.81 14.92
CA LYS A 321 18.93 17.39 16.04
C LYS A 321 20.44 17.13 15.95
N ALA A 322 21.21 17.98 16.63
CA ALA A 322 22.66 17.99 16.52
C ALA A 322 23.38 16.66 16.78
N ASP A 323 22.93 15.90 17.77
CA ASP A 323 23.64 14.68 18.15
C ASP A 323 23.31 13.47 17.26
N ILE A 324 22.36 13.66 16.34
CA ILE A 324 21.85 12.54 15.53
C ILE A 324 22.57 12.41 14.20
N GLN A 325 23.34 11.34 14.07
CA GLN A 325 24.11 11.10 12.86
C GLN A 325 23.41 10.03 12.04
N ILE A 326 22.98 8.97 12.74
CA ILE A 326 22.30 7.84 12.11
C ILE A 326 20.93 7.60 12.74
N CYS A 327 19.93 7.40 11.90
CA CYS A 327 18.63 6.98 12.41
C CYS A 327 17.81 6.31 11.32
N ILE A 328 16.84 5.51 11.75
CA ILE A 328 15.92 4.82 10.85
C ILE A 328 14.52 5.10 11.34
N LEU A 329 13.66 5.60 10.46
CA LEU A 329 12.32 5.99 10.87
C LEU A 329 11.28 5.19 10.13
N ASP A 330 10.14 4.97 10.78
CA ASP A 330 8.99 4.37 10.11
C ASP A 330 7.88 5.40 10.14
N GLY A 331 7.14 5.52 9.04
CA GLY A 331 6.07 6.49 8.96
C GLY A 331 5.29 6.50 7.68
N GLU A 332 4.63 7.61 7.40
CA GLU A 332 3.73 7.67 6.25
C GLU A 332 3.92 8.98 5.48
N MET A 333 4.08 8.89 4.16
CA MET A 333 4.26 10.08 3.31
C MET A 333 2.91 10.66 2.92
N MET A 334 2.73 11.95 3.17
CA MET A 334 1.45 12.61 2.90
C MET A 334 1.64 13.70 1.84
N ALA A 335 0.56 14.06 1.16
CA ALA A 335 0.59 15.20 0.28
C ALA A 335 -0.05 16.36 1.02
N TYR A 336 0.75 17.38 1.32
CA TYR A 336 0.30 18.49 2.17
C TYR A 336 0.05 19.77 1.39
N ASN A 337 -1.12 20.36 1.62
CA ASN A 337 -1.45 21.69 1.11
C ASN A 337 -1.08 22.79 2.11
N PRO A 338 -0.11 23.64 1.77
CA PRO A 338 0.34 24.77 2.59
C PRO A 338 -0.73 25.83 2.84
N ASN A 339 -1.52 26.13 1.83
CA ASN A 339 -2.50 27.22 1.92
C ASN A 339 -3.69 26.87 2.79
N THR A 340 -3.92 25.58 3.00
CA THR A 340 -5.03 25.18 3.85
C THR A 340 -4.55 24.43 5.09
N GLN A 341 -3.25 24.18 5.15
CA GLN A 341 -2.66 23.34 6.21
C GLN A 341 -3.34 21.97 6.35
N THR A 342 -3.62 21.33 5.22
CA THR A 342 -4.30 20.04 5.27
C THR A 342 -3.61 18.97 4.41
N PHE A 343 -3.80 17.71 4.80
CA PHE A 343 -3.35 16.58 4.00
C PHE A 343 -4.41 16.21 2.98
N MET A 344 -4.00 15.95 1.75
CA MET A 344 -4.94 15.55 0.72
C MET A 344 -5.11 14.02 0.68
N GLN A 345 -6.36 13.59 0.56
CA GLN A 345 -6.68 12.17 0.61
C GLN A 345 -6.36 11.56 -0.74
N LYS A 346 -6.17 10.24 -0.76
CA LYS A 346 -5.83 9.50 -1.97
C LYS A 346 -6.91 9.61 -3.05
N GLY A 347 -8.16 9.44 -2.64
CA GLY A 347 -9.30 9.48 -3.53
C GLY A 347 -9.74 10.89 -3.90
N THR A 348 -9.39 11.30 -5.11
CA THR A 348 -9.76 12.62 -5.61
C THR A 348 -9.83 12.58 -7.15
N LYS A 349 -10.62 13.47 -7.74
CA LYS A 349 -10.66 13.62 -9.20
C LYS A 349 -9.40 14.34 -9.68
N PHE A 350 -8.65 14.94 -8.75
CA PHE A 350 -7.42 15.67 -9.04
C PHE A 350 -6.18 14.78 -9.02
N ASP A 351 -5.07 15.31 -9.54
CA ASP A 351 -3.82 14.58 -9.68
C ASP A 351 -2.82 14.96 -8.58
N ILE A 352 -2.77 14.16 -7.52
CA ILE A 352 -1.90 14.39 -6.36
C ILE A 352 -0.39 14.42 -6.70
N LYS A 353 0.07 13.39 -7.41
CA LYS A 353 1.44 13.34 -7.93
C LYS A 353 1.83 14.63 -8.68
N ARG A 354 1.04 14.99 -9.69
CA ARG A 354 1.33 16.17 -10.51
C ARG A 354 1.37 17.49 -9.71
N MET A 355 0.34 17.72 -8.91
CA MET A 355 0.27 18.90 -8.05
C MET A 355 1.43 18.94 -7.08
N VAL A 356 1.88 17.76 -6.62
CA VAL A 356 3.10 17.70 -5.82
C VAL A 356 4.32 18.13 -6.64
N GLU A 357 4.35 17.72 -7.90
CA GLU A 357 5.46 18.08 -8.80
C GLU A 357 5.37 19.54 -9.27
N ASP A 358 4.17 20.01 -9.59
CA ASP A 358 3.95 21.40 -9.99
C ASP A 358 4.07 22.38 -8.81
N SER A 359 4.45 21.85 -7.64
CA SER A 359 4.59 22.61 -6.39
C SER A 359 3.27 23.14 -5.81
N ASP A 360 2.15 22.60 -6.25
CA ASP A 360 0.87 23.00 -5.66
C ASP A 360 0.72 22.35 -4.29
N LEU A 361 1.24 21.14 -4.14
CA LEU A 361 1.25 20.42 -2.89
C LEU A 361 2.69 20.06 -2.61
N GLN A 362 2.99 19.68 -1.37
CA GLN A 362 4.33 19.17 -1.04
C GLN A 362 4.27 17.87 -0.27
N THR A 363 5.39 17.14 -0.31
CA THR A 363 5.51 15.89 0.38
C THR A 363 5.77 16.13 1.85
N CYS A 364 5.04 15.41 2.70
CA CYS A 364 5.20 15.50 4.15
C CYS A 364 5.36 14.12 4.78
N TYR A 365 6.46 13.93 5.51
CA TYR A 365 6.71 12.66 6.19
C TYR A 365 6.05 12.67 7.56
N CYS A 366 4.97 11.91 7.73
CA CYS A 366 4.36 11.70 9.03
C CYS A 366 4.97 10.49 9.74
N VAL A 367 5.69 10.74 10.82
CA VAL A 367 6.51 9.72 11.47
C VAL A 367 5.94 9.20 12.80
N PHE A 368 5.83 7.88 12.93
CA PHE A 368 5.30 7.28 14.16
C PHE A 368 6.22 6.24 14.83
N ASP A 369 7.42 6.04 14.30
CA ASP A 369 8.36 5.08 14.91
C ASP A 369 9.82 5.28 14.48
N VAL A 370 10.72 4.80 15.31
CA VAL A 370 12.14 4.87 15.07
C VAL A 370 12.75 3.53 15.45
N LEU A 371 13.67 3.02 14.64
CA LEU A 371 14.17 1.67 14.82
C LEU A 371 15.66 1.69 15.14
N MET A 372 16.27 2.86 14.98
CA MET A 372 17.69 2.99 15.25
C MET A 372 18.03 4.46 15.47
N VAL A 373 18.89 4.71 16.43
CA VAL A 373 19.45 6.00 16.60
C VAL A 373 20.91 5.88 16.92
N ASN A 374 21.75 6.32 16.02
CA ASN A 374 23.15 6.29 16.25
C ASN A 374 23.68 4.93 16.66
N ASN A 375 23.21 3.86 16.11
CA ASN A 375 23.87 2.63 16.48
C ASN A 375 23.41 2.02 17.77
N LYS A 376 22.34 2.55 18.30
CA LYS A 376 21.51 1.87 19.22
C LYS A 376 20.39 1.29 18.37
N LYS A 377 20.08 0.02 18.54
CA LYS A 377 19.05 -0.66 17.81
C LYS A 377 17.87 -0.68 18.67
N LEU A 378 16.70 -0.45 18.12
CA LEU A 378 15.59 -0.22 18.98
C LEU A 378 14.43 -1.12 18.79
N GLY A 379 14.55 -2.10 17.93
CA GLY A 379 13.45 -3.00 17.67
C GLY A 379 12.85 -3.65 18.88
N HIS A 380 13.70 -3.94 19.83
CA HIS A 380 13.30 -4.69 21.02
C HIS A 380 12.93 -3.81 22.22
N GLU A 381 13.08 -2.49 22.08
CA GLU A 381 12.60 -1.58 23.10
C GLU A 381 11.08 -1.54 23.07
N THR A 382 10.48 -1.08 24.16
CA THR A 382 9.04 -0.88 24.16
C THR A 382 8.69 0.32 23.31
N LEU A 383 7.55 0.23 22.64
CA LEU A 383 6.99 1.35 21.91
C LEU A 383 7.00 2.61 22.78
N ARG A 384 6.72 2.45 24.07
CA ARG A 384 6.82 3.55 25.03
C ARG A 384 8.20 4.20 24.97
N LYS A 385 9.26 3.39 25.11
CA LYS A 385 10.60 3.93 25.04
C LYS A 385 10.91 4.48 23.66
N ARG A 386 10.37 3.81 22.64
CA ARG A 386 10.63 4.19 21.27
C ARG A 386 10.06 5.59 20.94
N TYR A 387 8.88 5.89 21.49
CA TYR A 387 8.25 7.19 21.31
C TYR A 387 9.04 8.29 22.00
N GLU A 388 9.60 7.96 23.16
CA GLU A 388 10.40 8.89 23.94
C GLU A 388 11.61 9.32 23.11
N ILE A 389 12.32 8.33 22.59
CA ILE A 389 13.47 8.53 21.71
C ILE A 389 13.11 9.34 20.46
N LEU A 390 11.95 9.05 19.88
CA LEU A 390 11.49 9.72 18.66
C LEU A 390 11.49 11.25 18.79
N SER A 391 11.03 11.76 19.93
CA SER A 391 11.01 13.20 20.16
C SER A 391 12.42 13.80 20.26
N SER A 392 13.42 12.95 20.41
CA SER A 392 14.81 13.42 20.45
C SER A 392 15.48 13.44 19.08
N ILE A 393 14.88 12.78 18.08
CA ILE A 393 15.52 12.64 16.77
C ILE A 393 15.50 13.90 15.87
N PHE A 394 14.37 14.59 15.80
CA PHE A 394 14.28 15.81 15.01
C PHE A 394 13.26 16.79 15.61
N THR A 395 13.34 18.04 15.16
CA THR A 395 12.39 19.07 15.54
C THR A 395 11.40 19.18 14.39
N PRO A 396 10.13 18.89 14.67
CA PRO A 396 9.11 18.83 13.61
C PRO A 396 8.98 20.13 12.83
N ILE A 397 8.77 20.00 11.53
CA ILE A 397 8.44 21.15 10.68
C ILE A 397 7.09 20.87 10.08
N PRO A 398 6.06 21.59 10.56
CA PRO A 398 4.72 21.29 10.06
C PRO A 398 4.69 21.30 8.53
N GLY A 399 4.09 20.27 7.95
CA GLY A 399 4.02 20.17 6.50
C GLY A 399 5.24 19.60 5.77
N ARG A 400 6.33 19.29 6.48
CA ARG A 400 7.41 18.50 5.88
C ARG A 400 7.73 17.25 6.69
N ILE A 401 7.98 17.43 7.99
CA ILE A 401 8.24 16.27 8.82
C ILE A 401 7.63 16.43 10.20
N GLU A 402 6.79 15.46 10.53
CA GLU A 402 5.97 15.53 11.73
C GLU A 402 6.02 14.23 12.54
N ILE A 403 5.78 14.39 13.84
CA ILE A 403 5.57 13.24 14.71
C ILE A 403 4.07 13.07 14.83
N VAL A 404 3.56 11.91 14.45
CA VAL A 404 2.12 11.65 14.49
C VAL A 404 1.61 11.85 15.91
N GLN A 405 0.42 12.44 16.02
CA GLN A 405 -0.11 12.76 17.33
C GLN A 405 -0.70 11.53 18.00
N LYS A 406 -0.41 11.41 19.29
CA LYS A 406 -0.81 10.26 20.10
C LYS A 406 -1.27 10.73 21.50
N THR A 407 -2.15 9.96 22.12
CA THR A 407 -2.53 10.22 23.51
C THR A 407 -2.68 8.92 24.29
N GLN A 408 -2.57 9.01 25.62
CA GLN A 408 -2.77 7.86 26.50
C GLN A 408 -4.25 7.74 26.82
N ALA A 409 -4.71 6.51 26.96
CA ALA A 409 -6.11 6.25 27.27
C ALA A 409 -6.22 4.87 27.91
N HIS A 410 -7.35 4.61 28.57
CA HIS A 410 -7.55 3.28 29.16
C HIS A 410 -9.01 2.84 29.09
N THR A 411 -9.84 3.66 28.47
CA THR A 411 -11.28 3.44 28.48
C THR A 411 -11.85 3.25 27.08
N LYS A 412 -12.80 2.33 26.95
CA LYS A 412 -13.53 2.13 25.71
C LYS A 412 -14.18 3.43 25.22
N ASN A 413 -14.78 4.18 26.14
CA ASN A 413 -15.44 5.41 25.75
C ASN A 413 -14.45 6.45 25.20
N GLU A 414 -13.23 6.42 25.70
CA GLU A 414 -12.20 7.30 25.17
C GLU A 414 -11.92 6.94 23.70
N VAL A 415 -11.94 5.64 23.41
CA VAL A 415 -11.71 5.18 22.05
C VAL A 415 -12.88 5.56 21.16
N ILE A 416 -14.11 5.48 21.69
CA ILE A 416 -15.27 5.97 20.97
C ILE A 416 -15.11 7.45 20.63
N ASP A 417 -14.64 8.23 21.61
CA ASP A 417 -14.37 9.66 21.43
C ASP A 417 -13.36 9.89 20.29
N ALA A 418 -12.26 9.16 20.30
CA ALA A 418 -11.22 9.36 19.33
C ALA A 418 -11.72 9.06 17.92
N LEU A 419 -12.40 7.92 17.77
CA LEU A 419 -12.97 7.55 16.47
C LEU A 419 -13.96 8.62 16.02
N ASN A 420 -14.76 9.13 16.96
CA ASN A 420 -15.70 10.19 16.64
C ASN A 420 -14.97 11.41 16.09
N GLU A 421 -13.95 11.88 16.82
CA GLU A 421 -13.13 13.00 16.39
C GLU A 421 -12.43 12.75 15.06
N ALA A 422 -11.88 11.55 14.89
CA ALA A 422 -11.13 11.21 13.70
C ALA A 422 -11.98 11.33 12.45
N ILE A 423 -13.16 10.72 12.47
CA ILE A 423 -14.03 10.74 11.31
C ILE A 423 -14.48 12.17 11.04
N ASP A 424 -14.68 12.92 12.12
CA ASP A 424 -15.03 14.34 12.01
C ASP A 424 -14.00 15.15 11.20
N LYS A 425 -12.72 14.82 11.37
CA LYS A 425 -11.65 15.52 10.68
C LYS A 425 -11.35 14.88 9.32
N ARG A 426 -12.24 14.00 8.89
CA ARG A 426 -12.12 13.26 7.63
C ARG A 426 -10.99 12.22 7.61
N GLU A 427 -10.38 11.96 8.76
CA GLU A 427 -9.53 10.78 8.85
C GLU A 427 -10.45 9.56 8.76
N GLU A 428 -9.90 8.38 8.49
CA GLU A 428 -10.79 7.27 8.20
C GLU A 428 -10.79 6.19 9.27
N GLY A 429 -10.01 6.43 10.32
CA GLY A 429 -9.99 5.54 11.45
C GLY A 429 -8.98 6.00 12.48
N ILE A 430 -8.73 5.11 13.44
CA ILE A 430 -7.82 5.40 14.53
C ILE A 430 -6.88 4.21 14.75
N MET A 431 -5.72 4.46 15.36
CA MET A 431 -4.81 3.39 15.73
C MET A 431 -4.78 3.23 17.26
N VAL A 432 -4.64 1.98 17.73
CA VAL A 432 -4.48 1.71 19.15
C VAL A 432 -3.26 0.82 19.37
N LYS A 433 -2.37 1.24 20.28
CA LYS A 433 -1.08 0.57 20.42
C LYS A 433 -0.67 0.29 21.87
N GLN A 434 -0.28 -0.95 22.13
CA GLN A 434 0.26 -1.36 23.43
C GLN A 434 1.63 -0.73 23.70
N PRO A 435 1.72 0.11 24.74
CA PRO A 435 2.98 0.73 25.15
C PRO A 435 4.11 -0.28 25.45
N LEU A 436 3.76 -1.46 25.97
CA LEU A 436 4.77 -2.45 26.24
C LEU A 436 5.34 -3.07 24.96
N SER A 437 4.62 -2.95 23.84
CA SER A 437 4.92 -3.74 22.64
C SER A 437 6.20 -3.37 21.90
N ILE A 438 6.90 -4.38 21.39
CA ILE A 438 8.09 -4.16 20.59
C ILE A 438 7.74 -4.14 19.11
N TYR A 439 8.72 -3.86 18.27
CA TYR A 439 8.49 -3.75 16.84
C TYR A 439 8.76 -5.08 16.12
N LYS A 440 7.71 -5.67 15.59
CA LYS A 440 7.80 -6.96 14.92
C LYS A 440 7.55 -6.82 13.42
N PRO A 441 8.63 -6.81 12.64
CA PRO A 441 8.50 -6.63 11.19
C PRO A 441 7.59 -7.67 10.55
N ASP A 442 6.70 -7.20 9.66
CA ASP A 442 5.78 -8.03 8.89
C ASP A 442 4.72 -8.75 9.71
N LYS A 443 4.63 -8.48 11.00
CA LYS A 443 3.62 -9.16 11.80
C LYS A 443 2.38 -8.29 11.94
N ARG A 444 1.21 -8.91 11.80
CA ARG A 444 -0.06 -8.18 11.92
C ARG A 444 -0.72 -8.52 13.25
N GLY A 445 -1.05 -7.49 14.01
CA GLY A 445 -1.58 -7.69 15.33
C GLY A 445 -0.49 -7.32 16.30
N GLU A 446 -0.26 -8.18 17.29
CA GLU A 446 0.59 -7.85 18.42
C GLU A 446 0.13 -6.52 19.01
N GLY A 447 1.05 -5.56 19.08
CA GLY A 447 0.78 -4.31 19.73
C GLY A 447 0.00 -3.28 18.92
N TRP A 448 -0.23 -3.52 17.63
CA TRP A 448 -0.90 -2.50 16.82
C TRP A 448 -2.30 -2.91 16.35
N LEU A 449 -3.30 -2.17 16.79
CA LEU A 449 -4.66 -2.39 16.30
C LEU A 449 -5.12 -1.20 15.45
N LYS A 450 -5.97 -1.44 14.46
CA LYS A 450 -6.61 -0.34 13.74
C LYS A 450 -8.11 -0.43 13.89
N ILE A 451 -8.75 0.72 14.02
CA ILE A 451 -10.20 0.79 14.20
C ILE A 451 -10.83 1.75 13.20
N LYS A 452 -11.82 1.24 12.46
CA LYS A 452 -12.55 2.00 11.46
C LYS A 452 -14.03 1.73 11.71
N PRO A 453 -14.92 2.61 11.24
CA PRO A 453 -16.37 2.41 11.42
C PRO A 453 -16.92 1.19 10.69
N GLU A 454 -17.96 0.59 11.26
CA GLU A 454 -18.67 -0.49 10.61
C GLU A 454 -19.56 0.13 9.54
N TYR A 455 -19.04 0.24 8.33
CA TYR A 455 -19.82 0.74 7.21
C TYR A 455 -20.50 -0.40 6.44
N VAL A 456 -21.84 -0.39 6.44
CA VAL A 456 -22.62 -1.40 5.74
C VAL A 456 -23.08 -0.86 4.38
N SER A 457 -22.57 -1.49 3.32
CA SER A 457 -22.77 -1.00 1.94
C SER A 457 -24.18 -1.20 1.40
N GLY A 458 -24.96 -0.12 1.43
CA GLY A 458 -26.30 -0.13 0.89
C GLY A 458 -26.76 1.27 0.53
N LEU A 459 -27.99 1.61 0.90
CA LEU A 459 -28.48 2.98 0.73
C LEU A 459 -27.72 3.85 1.71
N MET A 460 -27.26 3.23 2.80
CA MET A 460 -26.55 3.91 3.88
C MET A 460 -25.21 4.51 3.41
N ASP A 461 -24.79 4.10 2.21
CA ASP A 461 -23.53 4.56 1.63
C ASP A 461 -23.76 5.80 0.76
N GLU A 462 -25.03 6.13 0.54
CA GLU A 462 -25.40 7.16 -0.42
C GLU A 462 -26.54 8.04 0.10
N LEU A 463 -26.30 8.77 1.18
CA LEU A 463 -27.29 9.74 1.62
C LEU A 463 -27.11 11.05 0.88
N ASP A 464 -28.09 11.42 0.07
CA ASP A 464 -28.01 12.64 -0.73
C ASP A 464 -28.75 13.80 -0.08
N ILE A 465 -28.01 14.61 0.67
CA ILE A 465 -28.62 15.64 1.48
C ILE A 465 -28.06 17.03 1.17
N LEU A 466 -28.80 18.05 1.58
CA LEU A 466 -28.49 19.42 1.21
C LEU A 466 -27.72 20.13 2.30
N ILE A 467 -26.75 20.95 1.91
CA ILE A 467 -26.06 21.81 2.87
C ILE A 467 -26.97 22.99 3.22
N VAL A 468 -27.21 23.21 4.51
CA VAL A 468 -28.09 24.32 4.87
C VAL A 468 -27.40 25.34 5.77
N GLY A 469 -26.20 25.03 6.25
CA GLY A 469 -25.50 25.92 7.17
C GLY A 469 -24.03 25.54 7.39
N GLY A 470 -23.31 26.43 8.07
CA GLY A 470 -21.86 26.33 8.17
C GLY A 470 -21.23 26.81 9.47
N TYR A 471 -19.99 26.36 9.72
CA TYR A 471 -19.24 26.70 10.92
C TYR A 471 -17.81 27.04 10.53
N TRP A 472 -17.29 28.14 11.07
CA TRP A 472 -16.00 28.64 10.59
C TRP A 472 -14.84 27.94 11.26
N GLY A 473 -13.77 27.80 10.48
CA GLY A 473 -12.49 27.31 10.95
C GLY A 473 -11.81 28.36 11.81
N LYS A 474 -10.59 28.09 12.23
CA LYS A 474 -9.96 28.93 13.24
C LYS A 474 -8.88 29.85 12.64
N GLY A 475 -8.76 31.05 13.20
CA GLY A 475 -7.73 31.99 12.79
C GLY A 475 -7.69 32.33 11.30
N SER A 476 -6.61 31.92 10.63
CA SER A 476 -6.41 32.19 9.22
C SER A 476 -7.27 31.30 8.33
N ARG A 477 -7.66 30.14 8.87
CA ARG A 477 -8.60 29.25 8.21
C ARG A 477 -10.02 29.68 8.56
N GLY A 478 -10.15 30.90 9.11
CA GLY A 478 -11.42 31.46 9.53
C GLY A 478 -12.32 31.82 8.35
N GLY A 479 -11.73 31.93 7.16
CA GLY A 479 -12.50 32.13 5.95
C GLY A 479 -13.07 30.82 5.45
N MET A 480 -12.44 29.70 5.82
CA MET A 480 -12.97 28.37 5.45
C MET A 480 -13.83 27.75 6.54
N MET A 481 -14.76 26.90 6.13
CA MET A 481 -15.60 26.20 7.09
C MET A 481 -15.03 24.87 7.59
N SER A 482 -15.17 24.63 8.88
CA SER A 482 -14.77 23.36 9.45
C SER A 482 -15.84 22.29 9.25
N HIS A 483 -17.11 22.69 9.37
CA HIS A 483 -18.23 21.76 9.24
C HIS A 483 -19.38 22.34 8.44
N PHE A 484 -20.16 21.47 7.81
CA PHE A 484 -21.47 21.84 7.26
C PHE A 484 -22.60 21.28 8.12
N LEU A 485 -23.71 22.00 8.18
CA LEU A 485 -24.93 21.43 8.71
C LEU A 485 -25.76 21.00 7.52
N CYS A 486 -26.26 19.77 7.57
CA CYS A 486 -27.04 19.20 6.45
C CYS A 486 -28.46 18.85 6.84
N ALA A 487 -29.38 18.99 5.90
CA ALA A 487 -30.79 18.78 6.17
C ALA A 487 -31.45 17.89 5.13
N VAL A 488 -32.66 17.43 5.42
CA VAL A 488 -33.48 16.77 4.41
C VAL A 488 -34.69 17.64 4.08
N ALA A 489 -35.27 17.41 2.93
CA ALA A 489 -36.43 18.17 2.51
C ALA A 489 -37.71 17.59 3.12
N GLU A 490 -38.59 18.50 3.55
CA GLU A 490 -39.98 18.15 3.82
C GLU A 490 -40.70 18.13 2.47
N LYS A 491 -41.39 17.03 2.18
CA LYS A 491 -42.04 16.86 0.88
C LYS A 491 -43.09 17.94 0.61
N PRO A 492 -42.90 18.69 -0.47
CA PRO A 492 -43.71 19.86 -0.81
C PRO A 492 -44.98 19.49 -1.57
N PRO A 493 -45.98 20.38 -1.52
CA PRO A 493 -47.20 20.26 -2.34
C PRO A 493 -46.84 19.98 -3.79
N PRO A 494 -47.62 19.11 -4.46
CA PRO A 494 -47.39 18.79 -5.87
C PRO A 494 -47.26 20.06 -6.71
N GLY A 495 -46.22 20.14 -7.54
CA GLY A 495 -46.01 21.30 -8.38
C GLY A 495 -44.88 22.20 -7.92
N GLU A 496 -44.87 22.55 -6.64
CA GLU A 496 -43.86 23.46 -6.12
C GLU A 496 -42.59 22.76 -5.61
N LYS A 497 -41.50 23.50 -5.55
CA LYS A 497 -40.23 22.98 -5.04
C LYS A 497 -40.21 23.01 -3.51
N PRO A 498 -39.39 22.16 -2.86
CA PRO A 498 -39.36 22.13 -1.40
C PRO A 498 -39.03 23.51 -0.82
N SER A 499 -39.71 23.89 0.26
CA SER A 499 -39.49 25.19 0.88
C SER A 499 -39.09 25.05 2.33
N VAL A 500 -39.21 23.84 2.87
CA VAL A 500 -38.85 23.59 4.27
C VAL A 500 -37.92 22.40 4.44
N PHE A 501 -36.82 22.62 5.17
CA PHE A 501 -35.81 21.60 5.41
C PHE A 501 -35.60 21.34 6.89
N HIS A 502 -35.35 20.08 7.22
CA HIS A 502 -35.14 19.65 8.60
C HIS A 502 -33.71 19.20 8.79
N THR A 503 -33.01 19.81 9.75
CA THR A 503 -31.64 19.42 10.00
C THR A 503 -31.51 17.93 10.34
N LEU A 504 -30.40 17.34 9.94
CA LEU A 504 -30.14 15.92 10.13
C LEU A 504 -28.76 15.64 10.76
N SER A 505 -27.73 16.34 10.29
CA SER A 505 -26.37 16.02 10.74
C SER A 505 -25.36 17.14 10.51
N ARG A 506 -24.42 17.25 11.43
CA ARG A 506 -23.28 18.08 11.27
C ARG A 506 -22.26 17.19 10.56
N VAL A 507 -21.44 17.73 9.70
CA VAL A 507 -20.43 16.88 9.07
C VAL A 507 -19.16 17.66 8.74
N GLY A 508 -18.03 16.99 8.88
CA GLY A 508 -16.72 17.61 8.67
C GLY A 508 -16.49 18.13 7.26
N SER A 509 -15.85 19.30 7.16
CA SER A 509 -15.67 20.01 5.89
C SER A 509 -14.20 20.19 5.57
N GLY A 510 -13.35 19.45 6.27
CA GLY A 510 -11.92 19.54 6.05
C GLY A 510 -11.61 19.44 4.58
N CYS A 511 -10.80 20.36 4.08
CA CYS A 511 -10.37 20.35 2.69
C CYS A 511 -9.39 19.21 2.35
N THR A 512 -9.80 17.97 2.54
CA THR A 512 -8.90 16.86 2.27
C THR A 512 -8.94 16.47 0.80
N MET A 513 -9.85 17.10 0.06
CA MET A 513 -9.91 16.94 -1.39
C MET A 513 -10.30 18.26 -2.03
N LYS A 514 -9.73 18.54 -3.19
CA LYS A 514 -9.89 19.85 -3.81
C LYS A 514 -11.35 20.22 -4.10
N GLU A 515 -12.20 19.22 -4.40
CA GLU A 515 -13.61 19.50 -4.67
C GLU A 515 -14.32 20.15 -3.48
N LEU A 516 -13.87 19.85 -2.28
CA LEU A 516 -14.39 20.51 -1.09
C LEU A 516 -13.89 21.96 -1.01
N TYR A 517 -12.63 22.15 -1.38
CA TYR A 517 -12.07 23.50 -1.49
C TYR A 517 -12.82 24.35 -2.53
N ASP A 518 -13.01 23.79 -3.71
CA ASP A 518 -13.81 24.43 -4.74
C ASP A 518 -15.26 24.70 -4.29
N LEU A 519 -15.86 23.77 -3.57
CA LEU A 519 -17.20 23.96 -3.08
C LEU A 519 -17.33 25.11 -2.11
N GLY A 520 -16.36 25.24 -1.22
CA GLY A 520 -16.33 26.33 -0.25
C GLY A 520 -16.31 27.69 -0.91
N LEU A 521 -15.55 27.80 -2.00
CA LEU A 521 -15.36 29.08 -2.65
C LEU A 521 -16.59 29.39 -3.45
N LYS A 522 -17.26 28.35 -3.93
CA LYS A 522 -18.47 28.51 -4.74
C LYS A 522 -19.63 29.00 -3.87
N LEU A 523 -19.64 28.57 -2.61
CA LEU A 523 -20.71 28.87 -1.69
C LEU A 523 -20.45 30.15 -0.88
N ALA A 524 -19.21 30.63 -0.91
CA ALA A 524 -18.81 31.78 -0.07
C ALA A 524 -19.74 33.00 -0.11
N LYS A 525 -20.25 33.32 -1.29
CA LYS A 525 -21.03 34.55 -1.47
C LYS A 525 -22.46 34.39 -0.97
N TYR A 526 -22.86 33.18 -0.62
CA TYR A 526 -24.27 32.91 -0.28
C TYR A 526 -24.58 32.80 1.22
N TRP A 527 -23.56 32.64 2.06
CA TRP A 527 -23.80 32.51 3.50
C TRP A 527 -24.37 33.79 4.09
N LYS A 528 -25.34 33.64 4.97
CA LYS A 528 -25.95 34.74 5.71
C LYS A 528 -25.87 34.40 7.19
N PRO A 529 -25.73 35.42 8.05
CA PRO A 529 -25.66 35.21 9.50
C PRO A 529 -26.92 34.51 10.02
N PHE A 530 -26.75 33.49 10.85
CA PHE A 530 -27.91 32.81 11.44
C PHE A 530 -28.29 33.45 12.76
N HIS A 531 -29.55 33.83 12.89
CA HIS A 531 -30.04 34.44 14.13
C HIS A 531 -31.08 33.57 14.85
N ARG A 532 -30.73 33.05 16.02
CA ARG A 532 -31.66 32.25 16.85
C ARG A 532 -33.00 32.94 17.06
N LYS A 533 -32.98 34.27 17.19
CA LYS A 533 -34.17 35.02 17.55
C LYS A 533 -35.00 35.45 16.33
N ALA A 534 -34.47 35.23 15.14
CA ALA A 534 -35.23 35.49 13.92
C ALA A 534 -34.74 34.57 12.80
N PRO A 535 -34.97 33.25 12.95
CA PRO A 535 -34.42 32.21 12.08
C PRO A 535 -35.15 32.15 10.75
N PRO A 536 -34.45 31.67 9.70
CA PRO A 536 -35.09 31.54 8.38
C PRO A 536 -36.17 30.47 8.43
N SER A 537 -37.28 30.72 7.76
CA SER A 537 -38.43 29.81 7.79
C SER A 537 -38.15 28.52 7.03
N SER A 538 -37.15 28.53 6.16
CA SER A 538 -36.88 27.38 5.28
C SER A 538 -36.04 26.33 5.96
N ILE A 539 -35.40 26.70 7.06
CA ILE A 539 -34.55 25.75 7.77
C ILE A 539 -34.99 25.56 9.22
N LEU A 540 -35.46 24.35 9.53
CA LEU A 540 -35.92 24.03 10.88
C LEU A 540 -34.88 23.21 11.62
N CYS A 541 -34.51 23.66 12.82
CA CYS A 541 -33.42 23.05 13.58
C CYS A 541 -33.85 22.32 14.87
N GLY A 542 -32.91 21.57 15.42
CA GLY A 542 -33.06 21.05 16.76
C GLY A 542 -32.21 21.92 17.64
N THR A 543 -31.60 21.29 18.65
CA THR A 543 -30.66 21.93 19.55
C THR A 543 -29.51 22.65 18.83
N GLU A 544 -29.02 22.03 17.76
CA GLU A 544 -27.80 22.47 17.09
C GLU A 544 -28.07 23.59 16.07
N LYS A 545 -27.44 24.73 16.27
CA LYS A 545 -27.66 25.84 15.34
C LYS A 545 -26.37 26.11 14.58
N PRO A 546 -26.48 26.50 13.31
CA PRO A 546 -25.29 26.84 12.53
C PRO A 546 -24.86 28.29 12.81
N GLU A 547 -23.63 28.65 12.45
CA GLU A 547 -23.16 30.03 12.58
C GLU A 547 -23.75 30.85 11.44
N VAL A 548 -23.76 30.26 10.27
CA VAL A 548 -24.36 30.88 9.12
C VAL A 548 -25.21 29.86 8.39
N TYR A 549 -26.19 30.33 7.65
CA TYR A 549 -26.99 29.43 6.84
C TYR A 549 -26.98 29.88 5.38
N ILE A 550 -27.56 29.07 4.50
CA ILE A 550 -27.60 29.37 3.08
C ILE A 550 -28.98 29.02 2.56
N GLU A 551 -29.58 29.89 1.75
CA GLU A 551 -30.86 29.59 1.11
C GLU A 551 -30.68 28.32 0.30
N PRO A 552 -31.61 27.36 0.49
CA PRO A 552 -31.62 26.07 -0.21
C PRO A 552 -31.38 26.16 -1.75
N CYS A 553 -32.11 27.02 -2.44
CA CYS A 553 -31.89 27.17 -3.89
C CYS A 553 -30.48 27.60 -4.28
N ASN A 554 -29.73 28.16 -3.33
CA ASN A 554 -28.35 28.54 -3.65
C ASN A 554 -27.37 27.46 -3.24
N SER A 555 -27.87 26.33 -2.73
CA SER A 555 -26.95 25.35 -2.15
C SER A 555 -26.64 24.12 -3.00
N VAL A 556 -25.97 23.15 -2.39
CA VAL A 556 -25.45 22.02 -3.12
C VAL A 556 -25.69 20.73 -2.35
N ILE A 557 -26.04 19.67 -3.07
CA ILE A 557 -26.24 18.37 -2.44
C ILE A 557 -24.92 17.63 -2.29
N VAL A 558 -24.68 17.10 -1.10
CA VAL A 558 -23.53 16.24 -0.88
C VAL A 558 -24.01 14.81 -0.67
N GLN A 559 -23.23 13.86 -1.16
CA GLN A 559 -23.47 12.46 -0.88
C GLN A 559 -22.69 12.01 0.35
N ILE A 560 -23.40 11.47 1.33
CA ILE A 560 -22.81 11.12 2.63
C ILE A 560 -22.83 9.63 2.93
N LYS A 561 -21.70 9.14 3.45
CA LYS A 561 -21.62 7.78 3.94
C LYS A 561 -21.73 7.86 5.45
N ALA A 562 -22.53 6.97 6.04
CA ALA A 562 -22.72 6.94 7.48
C ALA A 562 -22.90 5.50 7.91
N ALA A 563 -22.53 5.19 9.16
CA ALA A 563 -22.59 3.81 9.66
C ALA A 563 -23.96 3.45 10.25
N GLU A 564 -24.66 4.45 10.77
CA GLU A 564 -25.85 4.20 11.55
C GLU A 564 -26.68 5.48 11.70
N ILE A 565 -27.99 5.32 11.74
CA ILE A 565 -28.90 6.41 12.10
C ILE A 565 -29.33 6.22 13.55
N VAL A 566 -28.93 7.15 14.43
CA VAL A 566 -29.27 7.03 15.84
C VAL A 566 -30.14 8.20 16.28
N PRO A 567 -30.94 8.04 17.34
CA PRO A 567 -31.77 9.14 17.86
C PRO A 567 -30.93 10.31 18.36
N SER A 568 -31.48 11.51 18.23
CA SER A 568 -30.77 12.72 18.64
C SER A 568 -31.81 13.82 18.82
N ASP A 569 -31.65 14.66 19.83
CA ASP A 569 -32.50 15.83 19.93
C ASP A 569 -31.75 17.07 19.42
N MET A 570 -30.61 16.85 18.79
CA MET A 570 -29.79 17.93 18.28
C MET A 570 -30.22 18.37 16.89
N TYR A 571 -30.96 17.50 16.21
CA TYR A 571 -31.39 17.76 14.84
C TYR A 571 -32.89 17.61 14.73
N LYS A 572 -33.49 18.42 13.85
CA LYS A 572 -34.94 18.44 13.64
C LYS A 572 -35.56 17.07 13.35
N THR A 573 -34.84 16.23 12.59
CA THR A 573 -35.36 14.90 12.25
C THR A 573 -35.51 14.00 13.48
N GLY A 574 -34.92 14.41 14.60
CA GLY A 574 -35.00 13.65 15.82
C GLY A 574 -34.00 12.52 15.78
N CYS A 575 -33.06 12.61 14.85
CA CYS A 575 -32.04 11.58 14.76
C CYS A 575 -30.82 12.15 14.09
N THR A 576 -29.76 11.36 14.00
CA THR A 576 -28.58 11.84 13.28
C THR A 576 -27.73 10.70 12.75
N LEU A 577 -26.68 11.08 12.03
CA LEU A 577 -25.82 10.10 11.39
C LEU A 577 -24.62 9.78 12.25
N ARG A 578 -24.35 8.50 12.44
CA ARG A 578 -23.14 8.08 13.11
C ARG A 578 -21.96 7.98 12.12
N PHE A 579 -20.81 8.52 12.51
CA PHE A 579 -19.61 8.55 11.65
C PHE A 579 -19.85 9.03 10.21
N PRO A 580 -20.50 10.19 10.03
CA PRO A 580 -20.79 10.62 8.65
C PRO A 580 -19.56 11.21 7.93
N ARG A 581 -19.42 10.89 6.64
CA ARG A 581 -18.34 11.41 5.80
C ARG A 581 -18.90 11.82 4.45
N ILE A 582 -18.58 13.03 3.99
CA ILE A 582 -18.96 13.43 2.65
C ILE A 582 -18.14 12.60 1.67
N GLU A 583 -18.80 11.84 0.80
CA GLU A 583 -18.07 11.06 -0.19
C GLU A 583 -17.89 11.86 -1.48
N LYS A 584 -18.97 12.50 -1.93
CA LYS A 584 -18.95 13.20 -3.21
C LYS A 584 -19.74 14.48 -3.10
N ILE A 585 -19.32 15.50 -3.85
CA ILE A 585 -20.18 16.64 -4.08
C ILE A 585 -21.03 16.32 -5.30
N ARG A 586 -22.35 16.42 -5.14
CA ARG A 586 -23.26 16.01 -6.19
C ARG A 586 -23.80 17.18 -6.96
N ASP A 587 -22.92 17.90 -7.65
CA ASP A 587 -23.33 19.10 -8.36
C ASP A 587 -23.92 18.71 -9.72
N ASP A 588 -24.11 17.41 -9.93
CA ASP A 588 -24.88 16.90 -11.04
C ASP A 588 -26.36 16.78 -10.63
N LYS A 589 -26.66 17.20 -9.42
CA LYS A 589 -28.04 17.24 -8.91
C LYS A 589 -28.44 18.69 -8.62
N GLU A 590 -29.71 18.99 -8.78
CA GLU A 590 -30.24 20.31 -8.39
C GLU A 590 -30.56 20.28 -6.91
N TRP A 591 -30.55 21.44 -6.26
CA TRP A 591 -30.83 21.50 -4.82
C TRP A 591 -32.13 20.81 -4.41
N HIS A 592 -33.14 20.88 -5.27
CA HIS A 592 -34.46 20.38 -4.92
C HIS A 592 -34.60 18.86 -5.09
N GLU A 593 -33.54 18.22 -5.61
CA GLU A 593 -33.53 16.76 -5.69
C GLU A 593 -33.08 16.13 -4.36
N CYS A 594 -33.09 16.95 -3.29
CA CYS A 594 -32.65 16.52 -1.97
C CYS A 594 -33.49 15.39 -1.40
N MET A 595 -32.83 14.44 -0.74
CA MET A 595 -33.53 13.36 -0.03
C MET A 595 -34.54 13.94 0.97
N THR A 596 -35.73 13.34 1.02
CA THR A 596 -36.79 13.87 1.85
C THR A 596 -36.89 13.17 3.20
N LEU A 597 -37.71 13.75 4.08
CA LEU A 597 -38.09 13.12 5.33
C LEU A 597 -38.62 11.71 5.09
N ASP A 598 -39.43 11.57 4.05
CA ASP A 598 -40.04 10.28 3.80
C ASP A 598 -39.01 9.24 3.39
N ASP A 599 -38.06 9.63 2.55
CA ASP A 599 -36.94 8.76 2.19
C ASP A 599 -36.17 8.36 3.44
N LEU A 600 -35.88 9.34 4.29
CA LEU A 600 -35.16 9.11 5.53
C LEU A 600 -35.91 8.10 6.39
N GLU A 601 -37.23 8.26 6.44
CA GLU A 601 -38.07 7.41 7.28
C GLU A 601 -38.04 5.97 6.79
N GLN A 602 -38.18 5.78 5.48
CA GLN A 602 -38.16 4.44 4.91
C GLN A 602 -36.81 3.78 5.10
N LEU A 603 -35.76 4.58 4.92
CA LEU A 603 -34.38 4.10 5.05
C LEU A 603 -34.10 3.54 6.44
N ARG A 604 -34.55 4.27 7.45
CA ARG A 604 -34.26 3.95 8.85
C ARG A 604 -34.74 2.54 9.19
N GLY A 605 -35.99 2.23 8.85
CA GLY A 605 -36.56 0.93 9.18
C GLY A 605 -36.49 -0.09 8.07
N LYS A 606 -35.38 -0.11 7.35
CA LYS A 606 -35.19 -1.09 6.28
C LYS A 606 -33.70 -1.33 6.03
N VAL B 2 38.05 -29.72 -12.47
CA VAL B 2 36.80 -28.97 -12.44
C VAL B 2 35.59 -29.90 -12.46
N PRO B 3 34.79 -29.86 -11.38
CA PRO B 3 33.60 -30.71 -11.22
C PRO B 3 32.55 -30.43 -12.30
N GLN B 4 31.84 -31.46 -12.75
CA GLN B 4 30.80 -31.30 -13.76
C GLN B 4 29.41 -31.42 -13.11
N TRP B 5 28.56 -30.42 -13.36
CA TRP B 5 27.25 -30.35 -12.71
C TRP B 5 26.43 -31.63 -12.84
N GLU B 6 26.52 -32.28 -14.00
CA GLU B 6 25.67 -33.43 -14.31
C GLU B 6 25.93 -34.59 -13.34
N VAL B 7 27.14 -34.65 -12.78
CA VAL B 7 27.44 -35.67 -11.79
C VAL B 7 26.74 -35.36 -10.48
N PHE B 8 26.67 -34.09 -10.12
CA PHE B 8 25.96 -33.68 -8.91
C PHE B 8 24.44 -33.69 -9.04
N PHE B 9 23.90 -33.36 -10.21
CA PHE B 9 22.45 -33.30 -10.30
C PHE B 9 21.81 -34.65 -10.53
N LYS B 10 22.23 -35.38 -11.56
CA LYS B 10 21.69 -36.72 -11.69
C LYS B 10 22.36 -37.70 -10.71
N ARG B 11 22.31 -37.35 -9.42
CA ARG B 11 22.82 -38.18 -8.32
C ARG B 11 21.96 -38.02 -7.06
#